data_6AAM
#
_entry.id   6AAM
#
_cell.length_a   36.142
_cell.length_b   70.531
_cell.length_c   97.891
_cell.angle_alpha   90.00
_cell.angle_beta   90.00
_cell.angle_gamma   90.00
#
_symmetry.space_group_name_H-M   'P 21 21 21'
#
loop_
_entity.id
_entity.type
_entity.pdbx_description
1 polymer 'Non-receptor tyrosine-protein kinase TYK2'
2 non-polymer 4-[[(1S,3R)-5-oxidanyl-2-adamantyl]amino]-1H-pyrrolo[2,3-b]pyridine-5-carboxamide
3 water water
#
_entity_poly.entity_id   1
_entity_poly.type   'polypeptide(L)'
_entity_poly.pdbx_seq_one_letter_code
;GPGDPTVFHKRYLKKIRDLGEGHFGKVSLYCYDPTNDGTGEMVAVKALKADAGPQHRSGWKQEIDILRTLYHEHIIKYKG
CCEDAGAASLQLVMEYVPLGSLRDYLPRHSIGLAQLLLFAQQICEGMAYLHAQHYIHRNLAARNVLLDNDRLVKIGDFGL
AKAVPEGHEYYRVREDGDSPVFWYAPECLKEYKFYYASDVWSFGVTLYELLTHCDSSQSPPTKFLELIGLAQGQMTVLRL
TELLERGERLPRPDKCPAEVYHLMKNCWETEASFRPTFENLIPILKTVHEKYQGQAPS
;
_entity_poly.pdbx_strand_id   A
#
# COMPACT_ATOMS: atom_id res chain seq x y z
N ASP A 4 15.53 16.66 -1.39
CA ASP A 4 14.90 17.59 -2.36
C ASP A 4 14.39 18.81 -1.60
N PRO A 5 14.87 20.03 -1.97
CA PRO A 5 14.44 21.27 -1.32
C PRO A 5 13.41 22.10 -2.14
N THR A 6 12.73 21.47 -3.11
CA THR A 6 11.69 22.12 -3.93
C THR A 6 10.55 22.67 -3.09
N VAL A 7 10.26 23.96 -3.32
CA VAL A 7 9.22 24.68 -2.62
C VAL A 7 8.14 25.13 -3.61
N PHE A 8 6.91 24.76 -3.29
CA PHE A 8 5.72 25.14 -4.00
C PHE A 8 5.14 26.37 -3.30
N HIS A 9 4.85 27.42 -4.07
CA HIS A 9 4.26 28.65 -3.52
C HIS A 9 2.78 28.45 -3.45
N LYS A 10 2.26 28.52 -2.22
CA LYS A 10 0.81 28.45 -1.99
C LYS A 10 -0.06 29.30 -2.93
N ARG A 11 0.48 30.45 -3.37
CA ARG A 11 -0.26 31.41 -4.18
C ARG A 11 -0.70 30.89 -5.57
N TYR A 12 -0.01 29.88 -6.10
CA TYR A 12 -0.36 29.24 -7.38
C TYR A 12 -1.11 27.88 -7.25
N LEU A 13 -1.54 27.57 -6.02
CA LEU A 13 -2.19 26.33 -5.69
C LEU A 13 -3.69 26.50 -5.58
N LYS A 14 -4.45 25.81 -6.44
CA LYS A 14 -5.91 25.82 -6.31
C LYS A 14 -6.46 24.39 -6.07
N LYS A 15 -7.34 24.24 -5.08
CA LYS A 15 -7.86 22.92 -4.69
C LYS A 15 -8.93 22.45 -5.64
N ILE A 16 -8.79 21.20 -6.08
CA ILE A 16 -9.78 20.53 -6.92
C ILE A 16 -10.68 19.67 -6.03
N ARG A 17 -10.10 18.69 -5.34
CA ARG A 17 -10.89 17.80 -4.47
C ARG A 17 -10.03 17.15 -3.41
N ASP A 18 -10.69 16.58 -2.40
CA ASP A 18 -10.02 15.74 -1.44
C ASP A 18 -9.82 14.34 -2.04
N LEU A 19 -8.67 13.76 -1.73
CA LEU A 19 -8.37 12.44 -2.26
C LEU A 19 -8.65 11.35 -1.23
N GLY A 20 -8.46 11.67 0.04
CA GLY A 20 -8.70 10.71 1.11
C GLY A 20 -7.95 11.14 2.35
N GLY A 25 -3.87 13.22 9.11
CA GLY A 25 -3.53 13.19 7.68
C GLY A 25 -4.72 13.37 6.76
N LYS A 26 -4.51 14.05 5.63
CA LYS A 26 -5.50 14.26 4.56
C LYS A 26 -4.76 14.55 3.26
N VAL A 27 -5.13 13.91 2.14
CA VAL A 27 -4.50 14.14 0.86
C VAL A 27 -5.55 14.78 -0.08
N SER A 28 -5.16 15.85 -0.77
CA SER A 28 -6.04 16.59 -1.69
C SER A 28 -5.37 16.82 -3.03
N LEU A 29 -6.21 17.00 -4.05
CA LEU A 29 -5.74 17.26 -5.40
C LEU A 29 -5.78 18.75 -5.63
N TYR A 30 -4.65 19.28 -6.09
CA TYR A 30 -4.48 20.69 -6.48
C TYR A 30 -4.00 20.83 -7.91
N CYS A 31 -4.44 21.91 -8.56
CA CYS A 31 -3.75 22.40 -9.75
C CYS A 31 -2.71 23.41 -9.29
N TYR A 32 -1.55 23.35 -9.92
CA TYR A 32 -0.48 24.26 -9.60
C TYR A 32 -0.14 24.98 -10.88
N ASP A 33 -0.52 26.26 -10.94
CA ASP A 33 -0.50 26.99 -12.20
C ASP A 33 0.09 28.41 -12.05
N PRO A 34 1.44 28.55 -12.18
CA PRO A 34 2.13 29.83 -12.03
C PRO A 34 1.90 30.86 -13.15
N THR A 35 1.45 30.40 -14.32
CA THR A 35 1.13 31.29 -15.45
C THR A 35 -0.36 31.72 -15.45
N ASN A 36 -1.01 31.56 -14.30
CA ASN A 36 -2.37 32.09 -13.99
C ASN A 36 -3.53 31.49 -14.77
N THR A 39 -1.97 27.34 -17.43
CA THR A 39 -2.19 25.88 -17.43
C THR A 39 -0.92 25.11 -17.01
N GLY A 40 -1.02 24.41 -15.86
CA GLY A 40 0.10 23.68 -15.26
C GLY A 40 -0.24 22.31 -14.68
N GLU A 41 0.60 21.86 -13.74
CA GLU A 41 0.60 20.47 -13.23
C GLU A 41 -0.41 20.15 -12.12
N MET A 42 -1.12 19.02 -12.24
CA MET A 42 -1.93 18.49 -11.11
C MET A 42 -0.97 17.85 -10.14
N VAL A 43 -1.17 18.13 -8.85
CA VAL A 43 -0.37 17.52 -7.76
C VAL A 43 -1.24 17.06 -6.60
N ALA A 44 -0.77 16.02 -5.90
CA ALA A 44 -1.36 15.56 -4.67
C ALA A 44 -0.64 16.21 -3.51
N VAL A 45 -1.40 16.74 -2.56
CA VAL A 45 -0.78 17.41 -1.41
C VAL A 45 -1.33 16.80 -0.15
N LYS A 46 -0.43 16.30 0.69
CA LYS A 46 -0.80 15.73 1.98
C LYS A 46 -0.49 16.73 3.09
N ALA A 47 -1.44 16.90 4.00
CA ALA A 47 -1.37 17.87 5.09
C ALA A 47 -1.62 17.15 6.40
N LEU A 48 -0.90 17.56 7.44
CA LEU A 48 -1.13 17.06 8.77
C LEU A 48 -2.22 17.90 9.48
N ASP A 51 -5.03 20.07 13.85
CA ASP A 51 -5.75 19.04 14.61
C ASP A 51 -4.76 18.21 15.42
N ALA A 52 -3.81 17.57 14.72
CA ALA A 52 -2.84 16.63 15.31
C ALA A 52 -1.96 17.27 16.37
N GLY A 53 -1.45 16.44 17.28
CA GLY A 53 -0.65 16.93 18.40
C GLY A 53 0.34 15.93 18.92
N PRO A 54 -0.14 14.89 19.66
CA PRO A 54 0.69 13.93 20.41
C PRO A 54 1.76 13.26 19.55
N GLN A 55 2.91 13.96 19.42
CA GLN A 55 4.04 13.59 18.53
C GLN A 55 3.69 13.01 17.15
N HIS A 56 2.44 13.21 16.71
CA HIS A 56 2.02 12.95 15.33
C HIS A 56 2.93 13.76 14.41
N ARG A 57 3.32 14.93 14.91
CA ARG A 57 4.26 15.84 14.26
C ARG A 57 5.62 15.23 13.94
N SER A 58 6.16 14.46 14.89
CA SER A 58 7.45 13.78 14.66
C SER A 58 7.32 12.65 13.62
N GLY A 59 6.24 11.87 13.72
CA GLY A 59 5.83 10.90 12.68
C GLY A 59 5.68 11.54 11.30
N TRP A 60 5.02 12.69 11.26
CA TRP A 60 4.90 13.51 10.04
C TRP A 60 6.25 13.96 9.43
N LYS A 61 7.15 14.47 10.26
CA LYS A 61 8.51 14.77 9.83
C LYS A 61 9.17 13.50 9.27
N GLN A 62 8.95 12.36 9.93
CA GLN A 62 9.45 11.06 9.45
C GLN A 62 8.96 10.72 8.03
N GLU A 63 7.65 10.81 7.81
CA GLU A 63 7.06 10.53 6.49
C GLU A 63 7.71 11.40 5.40
N ILE A 64 7.80 12.71 5.67
CA ILE A 64 8.34 13.66 4.69
C ILE A 64 9.78 13.30 4.34
N ASP A 65 10.57 13.06 5.39
CA ASP A 65 11.97 12.65 5.23
C ASP A 65 12.13 11.30 4.53
N ILE A 66 11.28 10.33 4.83
CA ILE A 66 11.29 9.05 4.10
C ILE A 66 11.02 9.26 2.59
N LEU A 67 9.88 9.88 2.28
CA LEU A 67 9.54 10.16 0.87
C LEU A 67 10.62 10.98 0.15
N ARG A 68 11.23 11.97 0.83
CA ARG A 68 12.32 12.77 0.22
C ARG A 68 13.49 11.93 -0.30
N THR A 69 13.70 10.76 0.31
CA THR A 69 14.86 9.91 0.00
C THR A 69 14.56 8.77 -0.99
N LEU A 70 13.28 8.40 -1.13
CA LEU A 70 12.90 7.30 -1.99
C LEU A 70 12.76 7.77 -3.43
N TYR A 71 13.45 7.09 -4.34
CA TYR A 71 13.30 7.38 -5.76
C TYR A 71 13.30 6.07 -6.53
N HIS A 72 12.15 5.72 -7.13
CA HIS A 72 11.95 4.42 -7.82
C HIS A 72 10.70 4.50 -8.70
N GLU A 73 10.71 3.82 -9.84
CA GLU A 73 9.57 3.74 -10.78
C GLU A 73 8.21 3.35 -10.10
N HIS A 74 8.27 2.55 -9.03
CA HIS A 74 7.07 1.98 -8.44
C HIS A 74 6.77 2.52 -7.04
N ILE A 75 7.36 3.66 -6.73
CA ILE A 75 7.03 4.44 -5.57
C ILE A 75 6.62 5.84 -6.02
N ILE A 76 5.55 6.33 -5.41
CA ILE A 76 4.94 7.63 -5.71
C ILE A 76 6.04 8.71 -5.61
N LYS A 77 6.10 9.60 -6.59
CA LYS A 77 7.26 10.50 -6.60
C LYS A 77 7.03 11.75 -5.76
N TYR A 78 7.98 12.00 -4.87
CA TYR A 78 8.11 13.24 -4.14
C TYR A 78 8.39 14.41 -5.10
N LYS A 79 7.65 15.51 -4.92
CA LYS A 79 7.79 16.68 -5.79
C LYS A 79 8.28 17.91 -5.01
N GLY A 80 7.92 18.00 -3.72
CA GLY A 80 8.42 19.05 -2.83
C GLY A 80 7.59 19.29 -1.58
N CYS A 81 7.77 20.47 -1.02
CA CYS A 81 6.96 20.86 0.12
C CYS A 81 6.47 22.29 -0.04
N CYS A 82 5.53 22.66 0.81
CA CYS A 82 5.11 24.04 0.95
C CYS A 82 4.85 24.31 2.41
N GLU A 83 5.06 25.56 2.81
CA GLU A 83 4.67 26.06 4.13
C GLU A 83 3.19 25.80 4.35
N ASP A 84 2.90 25.18 5.49
CA ASP A 84 1.54 25.03 5.95
C ASP A 84 1.40 25.89 7.21
N ALA A 85 1.12 27.17 7.01
CA ALA A 85 0.98 28.11 8.12
C ALA A 85 -0.15 27.71 9.06
N GLY A 86 -1.26 27.23 8.47
CA GLY A 86 -2.43 26.71 9.20
C GLY A 86 -2.28 25.47 10.10
N ALA A 87 -1.26 24.64 9.87
CA ALA A 87 -0.96 23.56 10.81
C ALA A 87 0.44 23.67 11.39
N ALA A 88 1.05 24.85 11.20
CA ALA A 88 2.44 25.13 11.62
C ALA A 88 3.38 23.96 11.26
N SER A 89 3.33 23.60 9.99
CA SER A 89 4.04 22.44 9.49
C SER A 89 4.41 22.64 8.02
N LEU A 90 4.88 21.57 7.39
CA LEU A 90 4.98 21.56 5.97
C LEU A 90 3.84 20.71 5.43
N GLN A 91 3.54 20.92 4.17
CA GLN A 91 2.69 19.99 3.44
C GLN A 91 3.57 19.29 2.44
N LEU A 92 3.21 18.03 2.16
CA LEU A 92 3.96 17.16 1.29
C LEU A 92 3.33 17.21 -0.10
N VAL A 93 4.14 17.53 -1.08
CA VAL A 93 3.62 17.62 -2.44
C VAL A 93 4.15 16.44 -3.22
N MET A 94 3.22 15.70 -3.81
CA MET A 94 3.51 14.49 -4.57
C MET A 94 2.89 14.52 -5.95
N GLU A 95 3.44 13.69 -6.82
CA GLU A 95 2.80 13.39 -8.08
C GLU A 95 1.35 12.89 -7.86
N TYR A 96 0.49 13.37 -8.74
CA TYR A 96 -0.87 12.96 -8.80
C TYR A 96 -0.99 11.89 -9.87
N VAL A 97 -1.70 10.82 -9.51
CA VAL A 97 -1.97 9.72 -10.42
C VAL A 97 -3.49 9.68 -10.72
N PRO A 98 -3.90 10.05 -11.97
CA PRO A 98 -5.37 10.19 -12.23
C PRO A 98 -6.23 8.92 -12.12
N LEU A 99 -5.68 7.76 -12.47
CA LEU A 99 -6.48 6.53 -12.34
C LEU A 99 -6.80 6.11 -10.91
N GLY A 100 -6.06 6.64 -9.92
CA GLY A 100 -6.34 6.42 -8.53
C GLY A 100 -5.82 5.08 -8.06
N SER A 101 -6.40 4.57 -6.98
CA SER A 101 -5.89 3.34 -6.36
C SER A 101 -6.58 2.12 -6.97
N LEU A 102 -5.91 0.98 -6.88
CA LEU A 102 -6.48 -0.27 -7.44
C LEU A 102 -7.82 -0.59 -6.80
N ARG A 103 -8.00 -0.19 -5.53
CA ARG A 103 -9.29 -0.30 -4.81
C ARG A 103 -10.49 0.33 -5.58
N ASP A 104 -10.28 1.50 -6.18
CA ASP A 104 -11.33 2.20 -6.97
C ASP A 104 -11.39 1.69 -8.40
N TYR A 105 -10.21 1.40 -8.97
CA TYR A 105 -10.08 1.05 -10.40
C TYR A 105 -10.59 -0.35 -10.69
N LEU A 106 -10.18 -1.32 -9.87
CA LEU A 106 -10.47 -2.72 -10.23
C LEU A 106 -11.95 -3.12 -10.26
N PRO A 107 -12.79 -2.64 -9.29
CA PRO A 107 -14.24 -2.92 -9.34
C PRO A 107 -14.93 -2.47 -10.64
N ARG A 108 -14.36 -1.47 -11.31
CA ARG A 108 -14.97 -0.82 -12.47
C ARG A 108 -14.50 -1.40 -13.80
N HIS A 109 -13.40 -2.16 -13.77
CA HIS A 109 -12.79 -2.68 -15.01
C HIS A 109 -12.70 -4.20 -14.92
N SER A 110 -12.37 -4.89 -16.00
CA SER A 110 -12.17 -6.32 -15.86
C SER A 110 -10.82 -6.72 -16.42
N ILE A 111 -9.84 -6.70 -15.53
CA ILE A 111 -8.45 -6.90 -15.89
C ILE A 111 -8.17 -8.40 -15.97
N GLY A 112 -7.44 -8.82 -17.02
CA GLY A 112 -6.97 -10.20 -17.14
C GLY A 112 -5.86 -10.56 -16.13
N LEU A 113 -5.69 -11.86 -15.92
CA LEU A 113 -4.72 -12.38 -14.95
C LEU A 113 -3.30 -11.88 -15.19
N ALA A 114 -2.86 -11.88 -16.46
CA ALA A 114 -1.47 -11.51 -16.81
C ALA A 114 -1.18 -10.07 -16.33
N GLN A 115 -2.13 -9.17 -16.55
CA GLN A 115 -1.97 -7.75 -16.13
C GLN A 115 -1.90 -7.61 -14.59
N LEU A 116 -2.79 -8.28 -13.89
CA LEU A 116 -2.74 -8.33 -12.42
C LEU A 116 -1.42 -8.87 -11.90
N LEU A 117 -0.88 -9.88 -12.60
CA LEU A 117 0.42 -10.43 -12.20
C LEU A 117 1.55 -9.46 -12.44
N LEU A 118 1.41 -8.64 -13.49
CA LEU A 118 2.40 -7.60 -13.74
C LEU A 118 2.36 -6.55 -12.60
N PHE A 119 1.16 -6.18 -12.15
CA PHE A 119 0.97 -5.23 -11.02
C PHE A 119 1.66 -5.82 -9.79
N ALA A 120 1.36 -7.08 -9.54
CA ALA A 120 1.94 -7.79 -8.40
C ALA A 120 3.48 -7.72 -8.45
N GLN A 121 4.08 -8.03 -9.61
CA GLN A 121 5.53 -7.95 -9.80
C GLN A 121 6.06 -6.55 -9.49
N GLN A 122 5.38 -5.54 -10.03
CA GLN A 122 5.84 -4.16 -9.81
C GLN A 122 5.76 -3.70 -8.34
N ILE A 123 4.70 -4.14 -7.66
CA ILE A 123 4.60 -3.91 -6.21
C ILE A 123 5.81 -4.52 -5.48
N CYS A 124 6.18 -5.75 -5.84
CA CYS A 124 7.36 -6.41 -5.28
C CYS A 124 8.63 -5.65 -5.53
N GLU A 125 8.76 -5.06 -6.74
CA GLU A 125 9.94 -4.25 -7.08
C GLU A 125 10.08 -2.99 -6.22
N GLY A 126 8.98 -2.26 -6.10
CA GLY A 126 8.93 -1.07 -5.23
C GLY A 126 9.22 -1.45 -3.76
N MET A 127 8.63 -2.55 -3.28
CA MET A 127 8.82 -3.02 -1.90
C MET A 127 10.25 -3.53 -1.60
N ALA A 128 10.83 -4.29 -2.55
CA ALA A 128 12.25 -4.71 -2.45
C ALA A 128 13.14 -3.47 -2.32
N TYR A 129 12.85 -2.45 -3.16
CA TYR A 129 13.60 -1.20 -3.12
C TYR A 129 13.48 -0.58 -1.74
N LEU A 130 12.24 -0.49 -1.23
CA LEU A 130 11.96 0.09 0.07
C LEU A 130 12.73 -0.63 1.20
N HIS A 131 12.64 -1.96 1.19
CA HIS A 131 13.35 -2.81 2.14
C HIS A 131 14.87 -2.70 2.05
N ALA A 132 15.39 -2.68 0.82
CA ALA A 132 16.80 -2.39 0.58
C ALA A 132 17.23 -0.99 1.17
N GLN A 133 16.27 -0.08 1.37
CA GLN A 133 16.52 1.18 2.07
C GLN A 133 16.40 1.07 3.60
N HIS A 134 16.12 -0.12 4.12
CA HIS A 134 15.96 -0.35 5.56
C HIS A 134 14.72 0.35 6.12
N TYR A 135 13.65 0.34 5.32
CA TYR A 135 12.38 0.85 5.76
C TYR A 135 11.33 -0.24 5.71
N ILE A 136 10.37 -0.17 6.62
CA ILE A 136 9.15 -0.98 6.51
C ILE A 136 7.96 -0.07 6.15
N HIS A 137 6.99 -0.63 5.46
CA HIS A 137 5.86 0.18 4.98
C HIS A 137 4.69 0.15 5.96
N ARG A 138 4.29 -1.06 6.38
CA ARG A 138 3.26 -1.31 7.42
C ARG A 138 1.84 -0.99 7.03
N ASN A 139 1.63 -0.67 5.76
CA ASN A 139 0.28 -0.36 5.33
C ASN A 139 0.03 -0.86 3.91
N LEU A 140 0.60 -2.00 3.57
CA LEU A 140 0.48 -2.44 2.19
C LEU A 140 -0.90 -3.10 1.90
N ALA A 141 -1.72 -2.45 1.08
CA ALA A 141 -3.06 -2.93 0.75
C ALA A 141 -3.43 -2.38 -0.61
N ALA A 142 -4.38 -2.99 -1.32
CA ALA A 142 -4.73 -2.46 -2.65
C ALA A 142 -5.03 -0.97 -2.67
N ARG A 143 -5.61 -0.44 -1.58
CA ARG A 143 -6.06 0.95 -1.61
C ARG A 143 -4.90 1.94 -1.70
N ASN A 144 -3.69 1.48 -1.35
CA ASN A 144 -2.45 2.30 -1.34
C ASN A 144 -1.54 1.99 -2.53
N VAL A 145 -2.04 1.19 -3.48
CA VAL A 145 -1.36 0.98 -4.74
C VAL A 145 -2.11 1.81 -5.82
N LEU A 146 -1.39 2.74 -6.46
CA LEU A 146 -1.94 3.68 -7.42
C LEU A 146 -1.54 3.23 -8.82
N LEU A 147 -2.36 3.57 -9.80
CA LEU A 147 -2.21 3.08 -11.16
C LEU A 147 -1.94 4.31 -12.01
N ASP A 148 -0.71 4.40 -12.51
CA ASP A 148 -0.26 5.59 -13.22
C ASP A 148 -0.67 5.46 -14.66
N ASN A 149 -0.47 4.26 -15.21
CA ASN A 149 -1.13 3.85 -16.43
C ASN A 149 -1.51 2.37 -16.37
N ASP A 150 -2.31 1.93 -17.34
CA ASP A 150 -2.72 0.54 -17.39
C ASP A 150 -1.61 -0.51 -17.18
N ARG A 151 -0.35 -0.14 -17.42
CA ARG A 151 0.82 -1.03 -17.17
C ARG A 151 1.86 -0.53 -16.14
N LEU A 152 1.47 0.41 -15.26
CA LEU A 152 2.41 1.06 -14.29
C LEU A 152 1.78 1.37 -12.92
N VAL A 153 2.24 0.65 -11.92
CA VAL A 153 1.73 0.67 -10.57
C VAL A 153 2.71 1.50 -9.68
N LYS A 154 2.19 2.29 -8.72
CA LYS A 154 3.06 2.98 -7.73
C LYS A 154 2.51 2.85 -6.32
N ILE A 155 3.42 2.55 -5.40
CA ILE A 155 3.03 2.43 -3.99
C ILE A 155 2.94 3.81 -3.39
N GLY A 156 1.82 4.04 -2.73
CA GLY A 156 1.58 5.27 -1.96
C GLY A 156 1.44 5.01 -0.48
N ASP A 157 0.95 6.05 0.20
CA ASP A 157 0.67 6.11 1.61
C ASP A 157 1.75 5.57 2.55
N PHE A 158 2.76 6.41 2.72
CA PHE A 158 3.86 6.15 3.59
C PHE A 158 3.63 6.68 4.99
N GLY A 159 2.38 6.90 5.34
CA GLY A 159 1.97 7.40 6.65
C GLY A 159 2.40 6.59 7.87
N LEU A 160 2.61 5.30 7.68
CA LEU A 160 3.00 4.38 8.76
C LEU A 160 4.44 3.85 8.58
N ALA A 161 5.12 4.31 7.53
CA ALA A 161 6.46 3.81 7.20
C ALA A 161 7.51 4.17 8.29
N LYS A 162 8.44 3.28 8.56
CA LYS A 162 9.44 3.50 9.63
C LYS A 162 10.77 2.89 9.20
N ALA A 163 11.87 3.51 9.61
CA ALA A 163 13.19 2.93 9.50
C ALA A 163 13.20 1.77 10.46
N VAL A 164 13.63 0.62 9.98
CA VAL A 164 13.64 -0.62 10.76
C VAL A 164 14.84 -0.50 11.70
N PRO A 165 14.58 -0.06 12.96
CA PRO A 165 15.46 0.67 13.89
C PRO A 165 16.87 0.99 13.40
N PRO A 180 -5.17 -1.42 9.40
CA PRO A 180 -4.79 -2.44 8.45
C PRO A 180 -4.71 -3.81 9.11
N VAL A 181 -5.45 -4.03 10.20
CA VAL A 181 -5.38 -5.29 10.93
C VAL A 181 -5.76 -6.49 10.10
N PHE A 182 -6.71 -6.35 9.14
CA PHE A 182 -7.02 -7.47 8.27
C PHE A 182 -5.95 -7.78 7.20
N TRP A 183 -4.91 -6.94 7.12
CA TRP A 183 -3.72 -7.15 6.27
C TRP A 183 -2.44 -7.57 7.02
N TYR A 184 -2.52 -7.70 8.34
CA TYR A 184 -1.36 -7.95 9.20
C TYR A 184 -1.13 -9.40 9.59
N ALA A 185 0.16 -9.77 9.58
CA ALA A 185 0.67 -11.05 10.02
C ALA A 185 0.49 -11.27 11.54
N PRO A 186 0.43 -12.55 12.00
CA PRO A 186 0.24 -12.84 13.43
C PRO A 186 1.20 -12.11 14.41
N GLU A 187 2.48 -12.02 14.07
CA GLU A 187 3.48 -11.33 14.92
C GLU A 187 3.15 -9.84 15.16
N CYS A 188 2.52 -9.19 14.17
CA CYS A 188 2.06 -7.79 14.30
C CYS A 188 0.91 -7.70 15.29
N LEU A 189 -0.08 -8.58 15.06
CA LEU A 189 -1.34 -8.52 15.78
C LEU A 189 -1.12 -8.94 17.27
N LYS A 190 -0.28 -9.95 17.48
CA LYS A 190 -0.11 -10.62 18.77
C LYS A 190 0.96 -9.97 19.60
N GLU A 191 2.06 -9.58 18.97
CA GLU A 191 3.27 -9.16 19.68
C GLU A 191 3.63 -7.70 19.40
N TYR A 192 2.86 -7.02 18.56
CA TYR A 192 3.22 -5.68 18.06
C TYR A 192 4.64 -5.60 17.44
N LYS A 193 5.13 -6.71 16.88
CA LYS A 193 6.42 -6.67 16.16
C LYS A 193 6.13 -6.40 14.69
N PHE A 194 7.11 -5.88 13.95
CA PHE A 194 6.92 -5.72 12.49
C PHE A 194 8.27 -5.95 11.82
N TYR A 195 8.33 -7.02 11.03
CA TYR A 195 9.49 -7.39 10.22
C TYR A 195 9.33 -7.04 8.73
N TYR A 196 10.44 -7.10 7.98
CA TYR A 196 10.32 -7.10 6.49
C TYR A 196 9.31 -8.17 6.06
N ALA A 197 9.38 -9.34 6.71
CA ALA A 197 8.47 -10.47 6.43
C ALA A 197 7.02 -10.15 6.67
N SER A 198 6.75 -9.22 7.59
CA SER A 198 5.38 -8.74 7.85
C SER A 198 4.81 -7.97 6.64
N ASP A 199 5.62 -7.13 5.98
CA ASP A 199 5.16 -6.46 4.72
C ASP A 199 4.87 -7.55 3.63
N VAL A 200 5.67 -8.62 3.61
CA VAL A 200 5.43 -9.73 2.65
C VAL A 200 4.05 -10.38 2.87
N TRP A 201 3.70 -10.63 4.13
CA TRP A 201 2.30 -11.09 4.45
C TRP A 201 1.22 -10.14 3.86
N SER A 202 1.39 -8.84 4.12
CA SER A 202 0.46 -7.84 3.57
C SER A 202 0.43 -7.89 2.06
N PHE A 203 1.60 -8.14 1.43
CA PHE A 203 1.64 -8.28 -0.03
C PHE A 203 0.75 -9.42 -0.47
N GLY A 204 0.85 -10.57 0.24
CA GLY A 204 -0.02 -11.72 0.05
C GLY A 204 -1.50 -11.35 0.03
N VAL A 205 -1.92 -10.58 1.01
CA VAL A 205 -3.32 -10.13 1.12
C VAL A 205 -3.62 -9.14 -0.04
N THR A 206 -2.69 -8.23 -0.32
CA THR A 206 -2.87 -7.31 -1.46
C THR A 206 -3.05 -8.07 -2.79
N LEU A 207 -2.24 -9.11 -2.99
CA LEU A 207 -2.36 -9.96 -4.20
C LEU A 207 -3.74 -10.67 -4.27
N TYR A 208 -4.22 -11.17 -3.12
CA TYR A 208 -5.61 -11.67 -3.01
C TYR A 208 -6.63 -10.60 -3.42
N GLU A 209 -6.45 -9.34 -2.95
CA GLU A 209 -7.32 -8.24 -3.40
C GLU A 209 -7.36 -8.02 -4.90
N LEU A 210 -6.17 -8.04 -5.50
CA LEU A 210 -6.03 -7.91 -6.96
C LEU A 210 -6.83 -8.98 -7.74
N LEU A 211 -6.66 -10.23 -7.31
CA LEU A 211 -7.32 -11.35 -7.97
C LEU A 211 -8.83 -11.39 -7.77
N THR A 212 -9.33 -10.81 -6.68
CA THR A 212 -10.77 -10.64 -6.47
C THR A 212 -11.27 -9.28 -7.03
N HIS A 213 -10.42 -8.53 -7.73
CA HIS A 213 -10.75 -7.16 -8.19
C HIS A 213 -11.33 -6.24 -7.13
N CYS A 214 -10.82 -6.35 -5.90
CA CYS A 214 -11.24 -5.56 -4.74
C CYS A 214 -12.75 -5.52 -4.55
N ASP A 215 -13.41 -6.64 -4.88
CA ASP A 215 -14.82 -6.84 -4.57
C ASP A 215 -15.03 -6.87 -3.04
N SER A 216 -15.86 -5.95 -2.55
CA SER A 216 -16.11 -5.81 -1.09
C SER A 216 -16.66 -7.10 -0.44
N SER A 217 -17.47 -7.85 -1.18
CA SER A 217 -18.06 -9.08 -0.66
C SER A 217 -17.05 -10.22 -0.49
N GLN A 218 -15.90 -10.12 -1.17
CA GLN A 218 -14.76 -11.02 -1.00
C GLN A 218 -13.61 -10.40 -0.16
N SER A 219 -13.77 -9.17 0.35
CA SER A 219 -12.64 -8.44 0.97
C SER A 219 -12.11 -9.14 2.24
N PRO A 220 -10.82 -8.93 2.60
CA PRO A 220 -10.36 -9.54 3.87
C PRO A 220 -11.20 -9.19 5.13
N PRO A 221 -11.66 -7.91 5.31
CA PRO A 221 -12.53 -7.68 6.49
C PRO A 221 -13.85 -8.48 6.42
N THR A 222 -14.52 -8.50 5.27
CA THR A 222 -15.76 -9.23 5.08
C THR A 222 -15.58 -10.71 5.39
N LYS A 223 -14.57 -11.34 4.78
CA LYS A 223 -14.29 -12.75 4.98
C LYS A 223 -13.86 -13.08 6.39
N PHE A 224 -13.01 -12.25 7.01
CA PHE A 224 -12.58 -12.61 8.35
C PHE A 224 -13.70 -12.30 9.38
N LEU A 225 -14.47 -11.21 9.16
CA LEU A 225 -15.61 -10.93 10.05
C LEU A 225 -16.74 -11.95 9.98
N GLU A 226 -16.88 -12.59 8.83
CA GLU A 226 -17.80 -13.68 8.68
C GLU A 226 -17.44 -14.87 9.61
N LEU A 227 -16.15 -15.13 9.80
CA LEU A 227 -15.72 -16.20 10.68
C LEU A 227 -15.72 -15.80 12.14
N ILE A 228 -15.24 -14.58 12.41
CA ILE A 228 -15.09 -14.10 13.81
C ILE A 228 -16.46 -13.69 14.38
N GLY A 229 -17.28 -13.05 13.55
CA GLY A 229 -18.53 -12.42 14.00
C GLY A 229 -18.26 -11.00 14.46
N LEU A 230 -19.33 -10.26 14.72
CA LEU A 230 -19.21 -8.84 15.05
C LEU A 230 -19.55 -8.54 16.50
N ALA A 231 -19.63 -9.57 17.33
CA ALA A 231 -20.02 -9.39 18.73
C ALA A 231 -19.00 -9.94 19.73
N GLN A 232 -17.74 -9.68 19.46
CA GLN A 232 -16.61 -10.16 20.27
C GLN A 232 -15.94 -9.13 21.22
N GLY A 233 -16.71 -8.12 21.63
CA GLY A 233 -16.21 -7.05 22.49
C GLY A 233 -14.91 -6.49 21.95
N GLN A 234 -13.91 -6.41 22.82
CA GLN A 234 -12.59 -5.92 22.46
C GLN A 234 -11.69 -7.02 21.85
N MET A 235 -12.23 -8.21 21.58
CA MET A 235 -11.40 -9.39 21.29
C MET A 235 -11.33 -9.72 19.78
N THR A 236 -11.80 -8.81 18.93
CA THR A 236 -11.72 -9.07 17.46
C THR A 236 -10.32 -9.46 17.04
N VAL A 237 -9.32 -8.68 17.44
CA VAL A 237 -7.93 -8.92 17.01
C VAL A 237 -7.38 -10.28 17.52
N LEU A 238 -7.61 -10.54 18.81
CA LEU A 238 -7.23 -11.82 19.41
C LEU A 238 -7.89 -13.01 18.70
N ARG A 239 -9.18 -12.88 18.35
CA ARG A 239 -9.88 -13.94 17.64
C ARG A 239 -9.30 -14.20 16.24
N LEU A 240 -8.97 -13.11 15.54
CA LEU A 240 -8.32 -13.12 14.25
C LEU A 240 -7.00 -13.89 14.36
N THR A 241 -6.22 -13.54 15.40
CA THR A 241 -4.93 -14.13 15.64
C THR A 241 -5.03 -15.63 15.83
N GLU A 242 -5.99 -16.05 16.64
CA GLU A 242 -6.25 -17.48 16.90
C GLU A 242 -6.54 -18.25 15.61
N LEU A 243 -7.33 -17.66 14.73
CA LEU A 243 -7.68 -18.28 13.47
C LEU A 243 -6.44 -18.38 12.58
N LEU A 244 -5.62 -17.33 12.54
CA LEU A 244 -4.40 -17.39 11.72
C LEU A 244 -3.43 -18.43 12.22
N GLU A 245 -3.24 -18.44 13.52
CA GLU A 245 -2.32 -19.42 14.12
C GLU A 245 -2.79 -20.86 13.96
N ARG A 246 -4.11 -21.07 13.83
CA ARG A 246 -4.66 -22.39 13.49
C ARG A 246 -4.45 -22.74 12.04
N GLY A 247 -3.96 -21.79 11.25
CA GLY A 247 -3.71 -22.03 9.83
C GLY A 247 -4.86 -21.64 8.90
N GLU A 248 -5.86 -20.89 9.39
CA GLU A 248 -6.97 -20.41 8.54
C GLU A 248 -6.49 -19.30 7.62
N ARG A 249 -6.91 -19.37 6.35
CA ARG A 249 -6.43 -18.41 5.33
C ARG A 249 -7.53 -18.04 4.37
N LEU A 250 -7.38 -16.88 3.75
CA LEU A 250 -8.31 -16.44 2.72
C LEU A 250 -8.43 -17.51 1.59
N PRO A 251 -9.64 -17.67 1.00
CA PRO A 251 -9.85 -18.70 -0.05
C PRO A 251 -9.13 -18.38 -1.37
N ARG A 252 -8.91 -19.38 -2.21
CA ARG A 252 -8.39 -19.16 -3.58
C ARG A 252 -9.41 -18.36 -4.42
N PRO A 253 -9.08 -17.11 -4.87
CA PRO A 253 -10.02 -16.42 -5.76
C PRO A 253 -10.27 -17.25 -6.99
N ASP A 254 -11.43 -17.07 -7.58
CA ASP A 254 -11.73 -17.78 -8.81
C ASP A 254 -10.76 -17.43 -9.94
N LYS A 255 -10.26 -18.46 -10.63
CA LYS A 255 -9.31 -18.29 -11.73
C LYS A 255 -7.92 -17.71 -11.32
N CYS A 256 -7.63 -17.68 -10.01
CA CYS A 256 -6.25 -17.62 -9.56
C CYS A 256 -5.68 -19.03 -9.81
N PRO A 257 -4.55 -19.14 -10.56
CA PRO A 257 -3.86 -20.43 -10.78
C PRO A 257 -3.42 -21.01 -9.46
N ALA A 258 -3.33 -22.34 -9.37
CA ALA A 258 -2.93 -23.02 -8.12
C ALA A 258 -1.55 -22.57 -7.64
N GLU A 259 -0.61 -22.44 -8.58
CA GLU A 259 0.73 -22.02 -8.22
C GLU A 259 0.74 -20.60 -7.61
N VAL A 260 -0.12 -19.70 -8.11
CA VAL A 260 -0.21 -18.33 -7.56
C VAL A 260 -0.88 -18.39 -6.16
N TYR A 261 -1.83 -19.31 -5.99
CA TYR A 261 -2.43 -19.48 -4.68
C TYR A 261 -1.41 -20.03 -3.67
N HIS A 262 -0.56 -20.95 -4.14
CA HIS A 262 0.49 -21.49 -3.28
C HIS A 262 1.53 -20.45 -2.91
N LEU A 263 1.79 -19.53 -3.86
CA LEU A 263 2.68 -18.38 -3.63
C LEU A 263 2.11 -17.50 -2.50
N MET A 264 0.82 -17.20 -2.62
CA MET A 264 0.10 -16.43 -1.56
C MET A 264 0.16 -17.08 -0.20
N LYS A 265 -0.16 -18.38 -0.14
CA LYS A 265 -0.04 -19.15 1.09
C LYS A 265 1.37 -19.14 1.67
N ASN A 266 2.37 -19.19 0.78
CA ASN A 266 3.76 -18.99 1.20
C ASN A 266 4.03 -17.56 1.80
N CYS A 267 3.45 -16.50 1.22
CA CYS A 267 3.51 -15.16 1.83
C CYS A 267 2.79 -15.15 3.21
N TRP A 268 1.89 -16.10 3.43
CA TRP A 268 1.15 -16.16 4.67
C TRP A 268 1.67 -17.25 5.63
N GLU A 269 2.92 -17.72 5.48
CA GLU A 269 3.39 -18.69 6.52
C GLU A 269 3.23 -18.04 7.89
N THR A 270 2.74 -18.81 8.86
CA THR A 270 2.61 -18.34 10.24
C THR A 270 3.95 -17.86 10.76
N GLU A 271 4.98 -18.69 10.59
CA GLU A 271 6.35 -18.34 10.96
C GLU A 271 6.99 -17.40 9.93
N ALA A 272 7.32 -16.20 10.40
CA ALA A 272 7.81 -15.08 9.58
C ALA A 272 9.03 -15.46 8.74
N SER A 273 9.92 -16.29 9.29
CA SER A 273 11.14 -16.66 8.55
C SER A 273 10.91 -17.66 7.39
N PHE A 274 9.74 -18.27 7.27
CA PHE A 274 9.49 -19.20 6.18
C PHE A 274 8.87 -18.51 4.97
N ARG A 275 8.52 -17.25 5.15
CA ARG A 275 8.01 -16.39 4.03
C ARG A 275 9.12 -16.02 3.01
N PRO A 276 8.78 -15.92 1.70
CA PRO A 276 9.81 -15.39 0.75
C PRO A 276 10.06 -13.91 1.07
N THR A 277 11.23 -13.38 0.68
CA THR A 277 11.50 -11.95 0.73
C THR A 277 10.95 -11.33 -0.56
N PHE A 278 10.91 -9.99 -0.65
CA PHE A 278 10.48 -9.34 -1.90
C PHE A 278 11.52 -9.61 -2.99
N GLU A 279 12.81 -9.63 -2.60
CA GLU A 279 13.86 -10.05 -3.56
C GLU A 279 13.62 -11.43 -4.16
N ASN A 280 13.23 -12.40 -3.34
CA ASN A 280 12.83 -13.76 -3.82
C ASN A 280 11.62 -13.73 -4.74
N LEU A 281 10.70 -12.81 -4.47
CA LEU A 281 9.44 -12.83 -5.20
C LEU A 281 9.56 -12.27 -6.60
N ILE A 282 10.44 -11.31 -6.80
CA ILE A 282 10.53 -10.60 -8.11
C ILE A 282 10.77 -11.55 -9.33
N PRO A 283 11.83 -12.40 -9.28
CA PRO A 283 12.09 -13.32 -10.42
C PRO A 283 11.00 -14.38 -10.62
N ILE A 284 10.36 -14.81 -9.53
CA ILE A 284 9.20 -15.71 -9.61
C ILE A 284 8.02 -15.04 -10.31
N LEU A 285 7.69 -13.82 -9.88
CA LEU A 285 6.54 -13.14 -10.45
C LEU A 285 6.75 -12.75 -11.92
N LYS A 286 8.00 -12.36 -12.25
CA LYS A 286 8.44 -12.10 -13.64
C LYS A 286 8.09 -13.32 -14.49
N THR A 287 8.55 -14.46 -14.00
CA THR A 287 8.39 -15.72 -14.71
C THR A 287 6.92 -16.09 -14.88
N VAL A 288 6.11 -15.95 -13.83
CA VAL A 288 4.70 -16.31 -13.95
C VAL A 288 3.92 -15.34 -14.83
N HIS A 289 4.20 -14.04 -14.72
CA HIS A 289 3.59 -13.04 -15.62
C HIS A 289 3.82 -13.40 -17.12
N GLU A 290 5.10 -13.65 -17.45
CA GLU A 290 5.58 -14.15 -18.76
C GLU A 290 4.74 -15.33 -19.25
N LYS A 291 4.64 -16.35 -18.39
CA LYS A 291 3.80 -17.53 -18.64
C LYS A 291 2.34 -17.19 -19.01
N TYR A 292 1.67 -16.37 -18.19
CA TYR A 292 0.27 -15.99 -18.51
C TYR A 292 0.07 -14.95 -19.63
N GLN A 293 1.13 -14.23 -19.99
CA GLN A 293 1.06 -13.27 -21.08
C GLN A 293 1.09 -13.90 -22.48
N GLY A 294 2.04 -14.82 -22.71
CA GLY A 294 2.21 -15.47 -24.01
C GLY A 294 3.01 -14.61 -24.97
#